data_3KBB
#
_entry.id   3KBB
#
_cell.length_a   48.160
_cell.length_b   66.698
_cell.length_c   83.800
_cell.angle_alpha   90.000
_cell.angle_beta   90.000
_cell.angle_gamma   90.000
#
_symmetry.space_group_name_H-M   'P 2 21 21'
#
loop_
_entity.id
_entity.type
_entity.pdbx_description
1 polymer 'Phosphorylated carbohydrates phosphatase TM_1254'
2 non-polymer 'SULFATE ION'
3 non-polymer GLYCEROL
4 water water
#
_entity_poly.entity_id   1
_entity_poly.type   'polypeptide(L)'
_entity_poly.pdbx_seq_one_letter_code
;(MSE)EAVIFD(MSE)DGVL(MSE)DTEPLYFEAYRRVAESYGKPYTEDLHRRI(MSE)GVPEREGLPIL(MSE)EALEI
KDSLENFKKRVHEEKKRVFSELLKENPGVREALEFVKSKRIKLALATSTPQREALERLRRLDLEKYFDV(MSE)VFGDQV
KNGKPDPEIYLLVLERLNVVPEKVVVFEDSKSGVEAAKSAGIERIYGVVHSLNDGKALLEAGAVALVKPEEILNVLKEVL
;
_entity_poly.pdbx_strand_id   A
#
loop_
_chem_comp.id
_chem_comp.type
_chem_comp.name
_chem_comp.formula
GOL non-polymer GLYCEROL 'C3 H8 O3'
SO4 non-polymer 'SULFATE ION' 'O4 S -2'
#
# COMPACT_ATOMS: atom_id res chain seq x y z
N MSE A 1 9.40 14.97 -17.56
CA MSE A 1 9.42 13.99 -16.43
C MSE A 1 9.90 12.68 -17.05
O MSE A 1 9.63 12.41 -18.23
CB MSE A 1 8.03 13.85 -15.87
CG MSE A 1 7.95 13.49 -14.40
SE MSE A 1 8.73 14.76 -13.21
CE MSE A 1 7.30 16.15 -13.38
N GLU A 2 10.59 11.85 -16.27
CA GLU A 2 11.12 10.61 -16.82
C GLU A 2 10.51 9.39 -16.18
N ALA A 3 9.96 9.54 -14.98
CA ALA A 3 9.27 8.43 -14.35
C ALA A 3 8.21 8.88 -13.36
N VAL A 4 7.24 7.99 -13.17
CA VAL A 4 6.23 8.16 -12.14
C VAL A 4 6.25 6.90 -11.24
N ILE A 5 6.36 7.12 -9.93
CA ILE A 5 6.45 6.04 -8.97
C ILE A 5 5.20 5.98 -8.08
N PHE A 6 4.60 4.81 -7.92
CA PHE A 6 3.42 4.63 -7.09
C PHE A 6 3.73 3.75 -5.91
N ASP A 7 3.29 4.15 -4.73
CA ASP A 7 3.10 3.16 -3.65
C ASP A 7 1.95 2.23 -4.02
N MSE A 8 1.91 1.03 -3.44
CA MSE A 8 0.87 0.06 -3.82
C MSE A 8 -0.35 0.20 -2.92
O MSE A 8 -1.40 0.70 -3.37
CB MSE A 8 1.45 -1.38 -3.80
CG MSE A 8 0.42 -2.32 -4.26
SE MSE A 8 1.05 -4.18 -4.23
CE MSE A 8 1.22 -4.45 -2.33
N ASP A 9 -0.22 -0.21 -1.67
CA ASP A 9 -1.37 -0.24 -0.81
C ASP A 9 -1.75 1.15 -0.38
N GLY A 10 -2.99 1.48 -0.59
CA GLY A 10 -3.50 2.80 -0.27
C GLY A 10 -3.43 3.77 -1.44
N VAL A 11 -2.90 3.33 -2.57
CA VAL A 11 -2.90 4.14 -3.77
C VAL A 11 -3.52 3.32 -4.88
N LEU A 12 -2.94 2.18 -5.23
CA LEU A 12 -3.53 1.38 -6.30
C LEU A 12 -4.80 0.61 -5.88
N MSE A 13 -4.80 0.19 -4.61
CA MSE A 13 -5.95 -0.45 -4.01
CA MSE A 13 -5.82 -0.66 -4.00
C MSE A 13 -5.74 -0.39 -2.50
O MSE A 13 -4.63 -0.09 -2.04
CB MSE A 13 -6.12 -1.89 -4.52
CB MSE A 13 -5.47 -2.14 -4.21
CG MSE A 13 -5.11 -2.91 -4.04
CG MSE A 13 -4.23 -2.65 -3.40
SE MSE A 13 -3.23 -2.65 -4.55
SE MSE A 13 -3.51 -4.36 -4.02
CE MSE A 13 -2.76 -2.93 -2.71
CE MSE A 13 -2.78 -3.71 -5.70
N ASP A 14 -6.82 -0.56 -1.76
CA ASP A 14 -6.77 -0.35 -0.30
C ASP A 14 -7.14 -1.63 0.48
N THR A 15 -6.18 -2.22 1.17
CA THR A 15 -6.47 -3.44 1.94
C THR A 15 -6.96 -3.13 3.34
N GLU A 16 -6.52 -1.98 3.87
CA GLU A 16 -6.81 -1.63 5.28
C GLU A 16 -8.29 -1.79 5.60
N PRO A 17 -9.19 -1.28 4.74
CA PRO A 17 -10.62 -1.39 5.06
C PRO A 17 -11.16 -2.84 5.12
N LEU A 18 -10.43 -3.78 4.54
CA LEU A 18 -10.88 -5.19 4.56
C LEU A 18 -10.37 -5.98 5.73
N TYR A 19 -9.53 -5.38 6.57
CA TYR A 19 -8.99 -6.10 7.72
C TYR A 19 -10.09 -6.52 8.69
N PHE A 20 -11.09 -5.66 8.88
CA PHE A 20 -12.17 -5.99 9.81
C PHE A 20 -12.83 -7.30 9.39
N GLU A 21 -13.27 -7.40 8.14
CA GLU A 21 -13.90 -8.61 7.65
C GLU A 21 -13.01 -9.86 7.77
N ALA A 22 -11.72 -9.71 7.45
CA ALA A 22 -10.77 -10.84 7.58
C ALA A 22 -10.68 -11.32 9.04
N TYR A 23 -10.53 -10.38 9.96
CA TYR A 23 -10.40 -10.74 11.38
C TYR A 23 -11.74 -11.21 11.98
N ARG A 24 -12.84 -10.63 11.48
CA ARG A 24 -14.19 -11.08 11.86
C ARG A 24 -14.41 -12.53 11.45
N ARG A 25 -14.01 -12.90 10.23
CA ARG A 25 -14.09 -14.29 9.78
C ARG A 25 -13.22 -15.26 10.59
N VAL A 26 -12.03 -14.82 10.97
CA VAL A 26 -11.17 -15.63 11.84
C VAL A 26 -11.91 -15.93 13.13
N ALA A 27 -12.41 -14.87 13.79
CA ALA A 27 -13.11 -15.02 15.07
C ALA A 27 -14.30 -15.96 14.88
N GLU A 28 -15.05 -15.72 13.80
CA GLU A 28 -16.23 -16.53 13.49
C GLU A 28 -15.87 -18.01 13.29
N SER A 29 -14.71 -18.28 12.70
CA SER A 29 -14.28 -19.66 12.48
C SER A 29 -14.02 -20.40 13.81
N TYR A 30 -13.73 -19.64 14.86
CA TYR A 30 -13.56 -20.19 16.21
C TYR A 30 -14.82 -20.08 17.11
N GLY A 31 -15.95 -19.76 16.48
CA GLY A 31 -17.21 -19.54 17.21
C GLY A 31 -17.25 -18.30 18.09
N LYS A 32 -16.45 -17.26 17.76
CA LYS A 32 -16.33 -16.04 18.54
C LYS A 32 -16.82 -14.79 17.78
N PRO A 33 -17.44 -13.86 18.54
CA PRO A 33 -17.87 -12.60 17.98
C PRO A 33 -16.67 -11.63 17.89
N TYR A 34 -16.87 -10.53 17.17
CA TYR A 34 -15.83 -9.55 16.99
C TYR A 34 -16.46 -8.19 16.72
N THR A 35 -15.97 -7.15 17.38
CA THR A 35 -16.56 -5.80 17.26
C THR A 35 -15.62 -4.83 16.52
N GLU A 36 -16.21 -3.81 15.88
CA GLU A 36 -15.39 -2.74 15.27
C GLU A 36 -14.64 -1.92 16.32
N ASP A 37 -15.23 -1.72 17.49
CA ASP A 37 -14.57 -1.07 18.60
C ASP A 37 -13.27 -1.75 19.00
N LEU A 38 -13.27 -3.08 19.12
CA LEU A 38 -12.01 -3.78 19.40
C LEU A 38 -11.08 -3.67 18.21
N HIS A 39 -11.64 -3.82 17.03
CA HIS A 39 -10.85 -3.92 15.84
C HIS A 39 -10.08 -2.64 15.57
N ARG A 40 -10.76 -1.50 15.77
CA ARG A 40 -10.17 -0.15 15.63
C ARG A 40 -8.93 -0.01 16.52
N ARG A 41 -8.99 -0.62 17.70
CA ARG A 41 -7.85 -0.57 18.62
C ARG A 41 -6.77 -1.54 18.22
N ILE A 42 -7.15 -2.74 17.83
CA ILE A 42 -6.22 -3.78 17.34
C ILE A 42 -5.39 -3.26 16.16
N MSE A 43 -6.00 -2.39 15.36
CA MSE A 43 -5.33 -1.88 14.16
CA MSE A 43 -5.41 -1.78 14.16
C MSE A 43 -4.29 -0.79 14.46
O MSE A 43 -3.46 -0.48 13.59
CB MSE A 43 -6.33 -1.46 13.08
CB MSE A 43 -6.49 -1.06 13.35
CG MSE A 43 -7.11 -2.61 12.44
CG MSE A 43 -7.42 -1.99 12.62
SE MSE A 43 -6.09 -4.00 11.46
SE MSE A 43 -6.44 -3.25 11.52
CE MSE A 43 -5.51 -2.88 9.95
CE MSE A 43 -5.73 -4.49 12.84
N GLY A 44 -4.31 -0.24 15.67
CA GLY A 44 -3.31 0.76 16.05
C GLY A 44 -1.91 0.21 16.34
N VAL A 45 -1.70 -1.09 16.12
CA VAL A 45 -0.39 -1.72 16.35
C VAL A 45 -0.02 -2.65 15.21
N PRO A 46 1.29 -2.90 15.01
CA PRO A 46 1.73 -3.86 13.98
C PRO A 46 1.10 -5.24 14.10
N GLU A 47 0.76 -5.83 12.97
CA GLU A 47 0.09 -7.14 12.93
C GLU A 47 0.86 -8.25 13.66
N ARG A 48 2.18 -8.19 13.63
CA ARG A 48 3.00 -9.18 14.34
C ARG A 48 2.63 -9.33 15.83
N GLU A 49 2.45 -8.21 16.52
CA GLU A 49 2.04 -8.21 17.94
C GLU A 49 0.53 -8.13 18.11
N GLY A 50 -0.15 -7.70 17.06
CA GLY A 50 -1.61 -7.57 17.06
C GLY A 50 -2.33 -8.89 17.05
N LEU A 51 -1.83 -9.84 16.26
CA LEU A 51 -2.44 -11.16 16.14
C LEU A 51 -2.50 -11.96 17.45
N PRO A 52 -1.37 -12.07 18.16
CA PRO A 52 -1.41 -12.76 19.46
C PRO A 52 -2.38 -12.12 20.46
N ILE A 53 -2.45 -10.79 20.48
CA ILE A 53 -3.40 -10.05 21.29
C ILE A 53 -4.85 -10.40 20.88
N LEU A 54 -5.13 -10.36 19.59
CA LEU A 54 -6.46 -10.72 19.10
C LEU A 54 -6.85 -12.10 19.62
N MSE A 55 -5.94 -13.05 19.52
CA MSE A 55 -6.22 -14.43 19.89
C MSE A 55 -6.62 -14.50 21.36
O MSE A 55 -7.62 -15.14 21.69
CB MSE A 55 -5.01 -15.34 19.64
CG MSE A 55 -5.32 -16.80 19.84
SE MSE A 55 -3.63 -17.85 19.81
CE MSE A 55 -2.72 -17.03 21.32
N GLU A 56 -5.87 -13.84 22.24
CA GLU A 56 -6.19 -13.83 23.67
C GLU A 56 -7.41 -12.98 24.01
N ALA A 57 -7.57 -11.85 23.31
CA ALA A 57 -8.74 -11.01 23.52
C ALA A 57 -10.03 -11.81 23.29
N LEU A 58 -10.01 -12.68 22.29
CA LEU A 58 -11.16 -13.47 21.87
C LEU A 58 -11.27 -14.81 22.61
N GLU A 59 -10.34 -15.03 23.55
CA GLU A 59 -10.33 -16.26 24.35
C GLU A 59 -10.27 -17.53 23.52
N ILE A 60 -9.53 -17.45 22.42
CA ILE A 60 -9.34 -18.56 21.51
C ILE A 60 -8.27 -19.49 22.05
N LYS A 61 -8.58 -20.78 22.06
CA LYS A 61 -7.67 -21.79 22.58
C LYS A 61 -7.14 -22.56 21.38
N ASP A 62 -6.02 -22.10 20.85
CA ASP A 62 -5.34 -22.74 19.74
C ASP A 62 -3.89 -22.33 19.90
N SER A 63 -2.99 -22.94 19.12
CA SER A 63 -1.60 -22.48 19.11
C SER A 63 -1.53 -21.18 18.29
N LEU A 64 -0.55 -20.34 18.59
CA LEU A 64 -0.36 -19.13 17.79
C LEU A 64 -0.10 -19.46 16.30
N GLU A 65 0.63 -20.54 16.07
CA GLU A 65 0.97 -21.01 14.73
C GLU A 65 -0.30 -21.31 13.94
N ASN A 66 -1.21 -22.06 14.55
CA ASN A 66 -2.49 -22.39 13.95
C ASN A 66 -3.35 -21.14 13.71
N PHE A 67 -3.35 -20.24 14.69
CA PHE A 67 -4.10 -18.99 14.59
C PHE A 67 -3.61 -18.16 13.41
N LYS A 68 -2.30 -17.95 13.34
CA LYS A 68 -1.68 -17.16 12.26
C LYS A 68 -2.00 -17.73 10.89
N LYS A 69 -2.07 -19.06 10.81
CA LYS A 69 -2.43 -19.73 9.57
C LYS A 69 -3.86 -19.40 9.17
N ARG A 70 -4.76 -19.36 10.16
CA ARG A 70 -6.17 -19.07 9.91
C ARG A 70 -6.33 -17.63 9.45
N VAL A 71 -5.62 -16.73 10.10
CA VAL A 71 -5.59 -15.33 9.68
C VAL A 71 -5.13 -15.24 8.22
N HIS A 72 -4.07 -15.97 7.90
CA HIS A 72 -3.53 -15.99 6.54
C HIS A 72 -4.61 -16.42 5.54
N GLU A 73 -5.28 -17.53 5.83
CA GLU A 73 -6.35 -18.09 5.00
C GLU A 73 -7.54 -17.12 4.80
N GLU A 74 -8.00 -16.51 5.88
CA GLU A 74 -9.13 -15.59 5.82
C GLU A 74 -8.81 -14.29 5.06
N LYS A 75 -7.60 -13.76 5.24
CA LYS A 75 -7.17 -12.60 4.46
C LYS A 75 -7.17 -12.88 2.95
N LYS A 76 -6.68 -14.06 2.57
CA LYS A 76 -6.64 -14.44 1.15
C LYS A 76 -8.03 -14.44 0.55
N ARG A 77 -8.97 -15.05 1.27
CA ARG A 77 -10.35 -15.18 0.83
C ARG A 77 -11.01 -13.82 0.71
N VAL A 78 -10.89 -13.01 1.76
CA VAL A 78 -11.48 -11.69 1.78
C VAL A 78 -10.88 -10.84 0.66
N PHE A 79 -9.54 -10.85 0.52
CA PHE A 79 -8.88 -9.98 -0.47
C PHE A 79 -9.28 -10.44 -1.85
N SER A 80 -9.20 -11.75 -2.05
CA SER A 80 -9.62 -12.34 -3.31
C SER A 80 -11.05 -11.93 -3.66
N GLU A 81 -11.95 -12.00 -2.68
CA GLU A 81 -13.35 -11.67 -2.93
C GLU A 81 -13.58 -10.15 -3.13
N LEU A 82 -12.97 -9.33 -2.28
CA LEU A 82 -13.41 -7.94 -2.17
C LEU A 82 -12.40 -6.87 -2.55
N LEU A 83 -11.14 -7.25 -2.75
CA LEU A 83 -10.12 -6.24 -3.07
C LEU A 83 -10.28 -5.85 -4.53
N LYS A 84 -10.45 -4.55 -4.76
CA LYS A 84 -10.61 -4.02 -6.10
C LYS A 84 -9.63 -2.86 -6.26
N GLU A 85 -9.30 -2.55 -7.50
CA GLU A 85 -8.49 -1.39 -7.77
C GLU A 85 -9.24 -0.12 -7.34
N ASN A 86 -8.50 0.92 -6.96
CA ASN A 86 -9.14 2.21 -6.66
C ASN A 86 -9.61 2.87 -7.97
N PRO A 87 -10.74 3.61 -7.88
CA PRO A 87 -11.23 4.28 -9.11
C PRO A 87 -10.21 5.25 -9.70
N GLY A 88 -10.08 5.20 -11.02
CA GLY A 88 -9.23 6.15 -11.78
C GLY A 88 -7.76 5.76 -11.83
N VAL A 89 -7.36 4.79 -11.01
CA VAL A 89 -5.94 4.46 -10.98
C VAL A 89 -5.46 3.76 -12.29
N ARG A 90 -6.25 2.84 -12.81
CA ARG A 90 -5.90 2.22 -14.09
C ARG A 90 -5.69 3.26 -15.19
N GLU A 91 -6.57 4.27 -15.25
CA GLU A 91 -6.52 5.30 -16.30
C GLU A 91 -5.23 6.13 -16.14
N ALA A 92 -4.83 6.31 -14.89
CA ALA A 92 -3.62 7.03 -14.57
C ALA A 92 -2.40 6.24 -15.01
N LEU A 93 -2.38 4.93 -14.74
CA LEU A 93 -1.26 4.08 -15.19
C LEU A 93 -1.20 4.05 -16.72
N GLU A 94 -2.38 3.87 -17.33
CA GLU A 94 -2.46 3.92 -18.81
C GLU A 94 -1.93 5.24 -19.36
N PHE A 95 -2.26 6.35 -18.72
CA PHE A 95 -1.78 7.65 -19.17
C PHE A 95 -0.26 7.78 -19.14
N VAL A 96 0.38 7.39 -18.03
CA VAL A 96 1.85 7.46 -17.98
C VAL A 96 2.46 6.64 -19.14
N LYS A 97 1.93 5.45 -19.38
CA LYS A 97 2.48 4.61 -20.46
C LYS A 97 2.26 5.29 -21.82
N SER A 98 1.10 5.93 -21.96
CA SER A 98 0.78 6.68 -23.23
C SER A 98 1.79 7.77 -23.52
N LYS A 99 2.48 8.28 -22.48
CA LYS A 99 3.48 9.34 -22.64
C LYS A 99 4.90 8.81 -22.81
N ARG A 100 5.01 7.48 -22.88
CA ARG A 100 6.27 6.77 -22.99
C ARG A 100 7.23 7.19 -21.88
N ILE A 101 6.66 7.25 -20.68
CA ILE A 101 7.41 7.59 -19.47
C ILE A 101 7.46 6.28 -18.66
N LYS A 102 8.53 6.08 -17.90
CA LYS A 102 8.67 4.82 -17.14
C LYS A 102 7.77 4.84 -15.93
N LEU A 103 7.28 3.66 -15.54
CA LEU A 103 6.30 3.54 -14.46
C LEU A 103 6.90 2.58 -13.45
N ALA A 104 6.90 2.98 -12.18
CA ALA A 104 7.48 2.11 -11.16
C ALA A 104 6.51 1.97 -9.99
N LEU A 105 6.67 0.84 -9.28
CA LEU A 105 5.92 0.54 -8.07
C LEU A 105 6.93 0.42 -6.92
N ALA A 106 6.62 0.99 -5.76
CA ALA A 106 7.43 0.77 -4.57
C ALA A 106 6.45 0.36 -3.46
N THR A 107 6.75 -0.72 -2.75
CA THR A 107 5.87 -1.16 -1.68
C THR A 107 6.67 -1.80 -0.57
N SER A 108 6.23 -1.60 0.69
CA SER A 108 6.85 -2.28 1.81
C SER A 108 6.46 -3.77 1.85
N THR A 109 5.42 -4.15 1.12
CA THR A 109 4.92 -5.52 1.10
C THR A 109 5.94 -6.41 0.40
N PRO A 110 6.26 -7.58 0.99
CA PRO A 110 7.19 -8.51 0.30
C PRO A 110 6.76 -8.89 -1.10
N GLN A 111 7.76 -9.17 -1.93
CA GLN A 111 7.52 -9.45 -3.33
C GLN A 111 6.41 -10.45 -3.64
N ARG A 112 6.52 -11.65 -3.07
CA ARG A 112 5.59 -12.71 -3.50
C ARG A 112 4.13 -12.36 -3.18
N GLU A 113 3.92 -11.87 -1.97
CA GLU A 113 2.61 -11.42 -1.52
C GLU A 113 2.06 -10.26 -2.39
N ALA A 114 2.91 -9.25 -2.67
CA ALA A 114 2.49 -8.10 -3.44
C ALA A 114 2.12 -8.48 -4.86
N LEU A 115 2.94 -9.32 -5.51
CA LEU A 115 2.65 -9.74 -6.88
C LEU A 115 1.33 -10.48 -7.01
N GLU A 116 0.97 -11.29 -6.02
CA GLU A 116 -0.31 -12.04 -6.00
CA GLU A 116 -0.28 -12.02 -6.18
C GLU A 116 -1.47 -11.04 -6.16
N ARG A 117 -1.42 -9.99 -5.32
CA ARG A 117 -2.47 -8.94 -5.32
CA ARG A 117 -2.49 -8.96 -5.32
C ARG A 117 -2.53 -8.23 -6.66
N LEU A 118 -1.39 -7.79 -7.14
CA LEU A 118 -1.35 -7.04 -8.39
C LEU A 118 -1.84 -7.92 -9.54
N ARG A 119 -1.45 -9.19 -9.53
CA ARG A 119 -1.87 -10.10 -10.61
C ARG A 119 -3.38 -10.31 -10.63
N ARG A 120 -3.97 -10.51 -9.46
CA ARG A 120 -5.42 -10.68 -9.32
C ARG A 120 -6.13 -9.45 -9.89
N LEU A 121 -5.54 -8.27 -9.73
CA LEU A 121 -6.18 -7.03 -10.16
C LEU A 121 -5.75 -6.62 -11.56
N ASP A 122 -4.90 -7.43 -12.19
CA ASP A 122 -4.35 -7.14 -13.51
C ASP A 122 -3.72 -5.73 -13.62
N LEU A 123 -2.93 -5.36 -12.60
CA LEU A 123 -2.23 -4.06 -12.57
C LEU A 123 -0.73 -4.27 -12.73
N GLU A 124 -0.29 -5.53 -12.68
CA GLU A 124 1.12 -5.84 -12.77
CA GLU A 124 1.12 -5.89 -12.77
C GLU A 124 1.73 -5.50 -14.13
N LYS A 125 0.95 -5.67 -15.20
CA LYS A 125 1.45 -5.45 -16.55
C LYS A 125 1.93 -4.03 -16.89
N TYR A 126 1.48 -3.03 -16.14
CA TYR A 126 1.92 -1.66 -16.42
C TYR A 126 3.35 -1.26 -16.07
N PHE A 127 3.91 -1.92 -15.07
CA PHE A 127 5.13 -1.43 -14.48
C PHE A 127 6.39 -1.88 -15.19
N ASP A 128 7.34 -0.96 -15.30
CA ASP A 128 8.67 -1.19 -15.81
C ASP A 128 9.62 -1.63 -14.69
N VAL A 129 9.41 -1.04 -13.52
CA VAL A 129 10.28 -1.31 -12.38
C VAL A 129 9.38 -1.56 -11.18
N MSE A 130 9.69 -2.55 -10.36
CA MSE A 130 8.89 -2.74 -9.14
C MSE A 130 9.86 -3.12 -8.02
O MSE A 130 10.75 -3.97 -8.24
CB MSE A 130 7.84 -3.84 -9.33
CG MSE A 130 6.81 -3.63 -10.52
SE MSE A 130 5.37 -4.90 -10.42
CE MSE A 130 6.29 -6.49 -11.13
N VAL A 131 9.78 -2.45 -6.88
CA VAL A 131 10.68 -2.73 -5.75
C VAL A 131 9.79 -3.07 -4.55
N PHE A 132 10.19 -4.09 -3.76
CA PHE A 132 9.34 -4.67 -2.72
C PHE A 132 10.08 -4.60 -1.39
N GLY A 133 9.35 -4.76 -0.29
CA GLY A 133 9.92 -4.48 1.03
C GLY A 133 11.02 -5.43 1.47
N ASP A 134 10.99 -6.65 0.93
CA ASP A 134 12.02 -7.64 1.23
C ASP A 134 13.25 -7.51 0.35
N GLN A 135 13.32 -6.42 -0.42
CA GLN A 135 14.46 -6.14 -1.29
C GLN A 135 15.40 -5.04 -0.77
N VAL A 136 15.09 -4.49 0.40
CA VAL A 136 15.94 -3.53 1.08
C VAL A 136 16.27 -3.97 2.50
N LYS A 137 17.38 -3.45 3.02
CA LYS A 137 17.80 -3.74 4.40
C LYS A 137 16.87 -3.05 5.42
N ASN A 138 16.66 -1.75 5.21
CA ASN A 138 15.87 -0.90 6.11
C ASN A 138 14.69 -0.32 5.35
N GLY A 139 13.48 -0.48 5.90
CA GLY A 139 12.28 -0.02 5.16
C GLY A 139 11.93 1.42 5.49
N LYS A 140 10.81 1.90 4.97
CA LYS A 140 10.35 3.30 5.24
C LYS A 140 10.35 3.57 6.75
N PRO A 141 10.79 4.77 7.20
CA PRO A 141 11.09 5.98 6.42
C PRO A 141 12.49 6.07 5.86
N ASP A 142 13.28 5.00 5.95
CA ASP A 142 14.64 5.03 5.41
C ASP A 142 14.48 5.23 3.87
N PRO A 143 15.33 6.08 3.24
CA PRO A 143 15.19 6.29 1.78
C PRO A 143 15.64 5.10 0.90
N GLU A 144 16.22 4.04 1.51
CA GLU A 144 16.68 2.87 0.74
C GLU A 144 15.74 2.42 -0.40
N ILE A 145 14.46 2.23 -0.09
CA ILE A 145 13.52 1.73 -1.08
C ILE A 145 13.38 2.65 -2.30
N TYR A 146 13.28 3.97 -2.06
CA TYR A 146 13.20 4.90 -3.20
C TYR A 146 14.52 5.04 -3.93
N LEU A 147 15.65 4.99 -3.21
CA LEU A 147 16.98 4.98 -3.87
C LEU A 147 17.11 3.78 -4.82
N LEU A 148 16.60 2.61 -4.41
CA LEU A 148 16.65 1.41 -5.26
C LEU A 148 15.71 1.57 -6.47
N VAL A 149 14.53 2.15 -6.27
CA VAL A 149 13.62 2.45 -7.40
C VAL A 149 14.32 3.36 -8.41
N LEU A 150 14.97 4.43 -7.92
CA LEU A 150 15.71 5.39 -8.77
C LEU A 150 16.84 4.66 -9.52
N GLU A 151 17.52 3.78 -8.81
CA GLU A 151 18.62 2.99 -9.40
C GLU A 151 18.15 2.12 -10.52
N ARG A 152 17.09 1.34 -10.29
CA ARG A 152 16.56 0.44 -11.26
C ARG A 152 15.95 1.19 -12.45
N LEU A 153 15.36 2.36 -12.22
CA LEU A 153 14.83 3.19 -13.32
C LEU A 153 15.94 3.91 -14.12
N ASN A 154 17.10 4.06 -13.48
CA ASN A 154 18.18 4.91 -13.96
C ASN A 154 17.71 6.33 -14.30
N VAL A 155 17.06 6.96 -13.31
CA VAL A 155 16.57 8.34 -13.45
C VAL A 155 16.95 9.17 -12.21
N VAL A 156 17.07 10.48 -12.40
CA VAL A 156 17.42 11.42 -11.31
C VAL A 156 16.15 11.77 -10.54
N PRO A 157 16.26 12.01 -9.21
CA PRO A 157 15.03 12.26 -8.45
C PRO A 157 14.24 13.51 -8.85
N GLU A 158 14.89 14.51 -9.43
CA GLU A 158 14.18 15.73 -9.80
C GLU A 158 13.30 15.51 -11.05
N LYS A 159 13.42 14.34 -11.68
CA LYS A 159 12.61 13.99 -12.86
C LYS A 159 11.57 12.89 -12.61
N VAL A 160 11.22 12.64 -11.34
CA VAL A 160 10.18 11.66 -11.01
C VAL A 160 9.06 12.33 -10.20
N VAL A 161 7.89 11.75 -10.32
CA VAL A 161 6.75 12.14 -9.46
C VAL A 161 6.38 10.89 -8.64
N VAL A 162 6.10 11.06 -7.34
CA VAL A 162 5.75 9.92 -6.48
C VAL A 162 4.34 10.11 -5.94
N PHE A 163 3.57 9.04 -5.84
CA PHE A 163 2.25 9.05 -5.18
C PHE A 163 2.35 8.14 -3.96
N GLU A 164 2.25 8.78 -2.80
CA GLU A 164 2.51 8.09 -1.56
C GLU A 164 1.31 8.25 -0.63
N ASP A 165 1.17 7.40 0.37
CA ASP A 165 -0.05 7.48 1.20
C ASP A 165 0.27 7.38 2.69
N SER A 166 1.54 7.30 3.05
CA SER A 166 1.89 7.33 4.51
C SER A 166 2.97 8.35 4.84
N LYS A 167 2.97 8.82 6.08
CA LYS A 167 4.03 9.72 6.57
C LYS A 167 5.39 9.11 6.29
N SER A 168 5.59 7.84 6.67
CA SER A 168 6.89 7.20 6.51
C SER A 168 7.29 7.06 5.05
N GLY A 169 6.28 6.84 4.19
CA GLY A 169 6.53 6.77 2.70
C GLY A 169 6.98 8.12 2.13
N VAL A 170 6.27 9.16 2.53
CA VAL A 170 6.66 10.52 2.09
C VAL A 170 8.03 10.88 2.60
N GLU A 171 8.31 10.59 3.87
CA GLU A 171 9.64 10.85 4.39
C GLU A 171 10.73 10.14 3.61
N ALA A 172 10.46 8.87 3.26
CA ALA A 172 11.46 8.07 2.56
C ALA A 172 11.76 8.65 1.16
N ALA A 173 10.71 9.01 0.43
CA ALA A 173 10.91 9.55 -0.91
C ALA A 173 11.63 10.91 -0.81
N LYS A 174 11.22 11.74 0.12
CA LYS A 174 11.89 13.04 0.32
C LYS A 174 13.39 12.89 0.67
N SER A 175 13.68 11.97 1.59
CA SER A 175 15.07 11.69 1.97
C SER A 175 15.92 11.13 0.83
N ALA A 176 15.28 10.50 -0.16
CA ALA A 176 15.95 10.01 -1.37
C ALA A 176 16.19 11.13 -2.37
N GLY A 177 15.74 12.35 -2.05
CA GLY A 177 15.97 13.52 -2.90
C GLY A 177 14.87 13.88 -3.87
N ILE A 178 13.72 13.17 -3.76
CA ILE A 178 12.57 13.39 -4.62
C ILE A 178 11.70 14.52 -4.02
N GLU A 179 11.42 15.53 -4.84
CA GLU A 179 10.64 16.69 -4.36
C GLU A 179 9.15 16.60 -4.69
N ARG A 180 8.83 16.09 -5.88
CA ARG A 180 7.45 16.03 -6.33
C ARG A 180 6.71 14.82 -5.78
N ILE A 181 6.26 14.93 -4.53
CA ILE A 181 5.56 13.84 -3.84
C ILE A 181 4.12 14.26 -3.57
N TYR A 182 3.16 13.49 -4.08
CA TYR A 182 1.75 13.78 -3.83
C TYR A 182 1.28 12.83 -2.74
N GLY A 183 0.51 13.35 -1.79
CA GLY A 183 -0.05 12.51 -0.76
C GLY A 183 -1.45 12.06 -1.15
N VAL A 184 -1.64 10.74 -1.19
CA VAL A 184 -2.91 10.16 -1.62
C VAL A 184 -3.79 9.87 -0.41
N VAL A 185 -5.01 10.41 -0.42
CA VAL A 185 -5.85 10.36 0.78
C VAL A 185 -7.17 9.71 0.47
N HIS A 186 -7.89 9.31 1.51
CA HIS A 186 -9.05 8.48 1.31
C HIS A 186 -10.35 8.95 1.92
N SER A 187 -10.29 10.06 2.65
CA SER A 187 -11.44 10.47 3.44
C SER A 187 -11.62 11.97 3.39
N LEU A 188 -12.58 12.45 4.20
CA LEU A 188 -12.98 13.85 4.17
C LEU A 188 -11.81 14.80 4.47
N ASN A 189 -11.04 14.54 5.51
CA ASN A 189 -9.95 15.49 5.91
C ASN A 189 -8.65 14.94 6.39
N ASP A 190 -8.34 13.71 6.00
CA ASP A 190 -7.05 13.14 6.31
C ASP A 190 -6.02 13.81 5.39
N GLY A 191 -4.76 13.69 5.81
CA GLY A 191 -3.62 14.02 4.97
C GLY A 191 -2.70 15.09 5.50
N LYS A 192 -3.07 15.73 6.60
CA LYS A 192 -2.19 16.74 7.19
C LYS A 192 -0.78 16.23 7.47
N ALA A 193 -0.69 14.99 7.97
CA ALA A 193 0.62 14.37 8.26
C ALA A 193 1.48 14.18 6.99
N LEU A 194 0.83 13.88 5.88
CA LEU A 194 1.54 13.74 4.60
C LEU A 194 2.09 15.10 4.15
N LEU A 195 1.31 16.16 4.33
CA LEU A 195 1.80 17.49 3.97
C LEU A 195 2.95 17.88 4.89
N GLU A 196 2.82 17.60 6.18
CA GLU A 196 3.89 17.95 7.09
C GLU A 196 5.18 17.22 6.77
N ALA A 197 5.07 15.98 6.25
CA ALA A 197 6.25 15.21 5.85
C ALA A 197 6.88 15.68 4.53
N GLY A 198 6.18 16.57 3.80
CA GLY A 198 6.74 17.13 2.57
C GLY A 198 5.96 16.91 1.31
N ALA A 199 4.78 16.28 1.42
CA ALA A 199 3.96 16.15 0.21
C ALA A 199 3.58 17.55 -0.32
N VAL A 200 3.54 17.70 -1.64
CA VAL A 200 3.33 19.02 -2.26
C VAL A 200 1.84 19.34 -2.48
N ALA A 201 1.00 18.33 -2.26
CA ALA A 201 -0.42 18.45 -2.42
C ALA A 201 -1.04 17.15 -2.03
N LEU A 202 -2.30 17.23 -1.63
CA LEU A 202 -3.11 16.03 -1.37
C LEU A 202 -4.03 15.72 -2.56
N VAL A 203 -4.18 14.44 -2.87
CA VAL A 203 -5.10 14.01 -3.92
C VAL A 203 -5.82 12.73 -3.57
N LYS A 204 -7.07 12.58 -4.03
CA LYS A 204 -7.76 11.27 -3.98
C LYS A 204 -7.28 10.42 -5.17
N PRO A 205 -7.37 9.10 -5.08
CA PRO A 205 -6.93 8.25 -6.18
C PRO A 205 -7.52 8.68 -7.52
N GLU A 206 -8.81 9.03 -7.52
CA GLU A 206 -9.51 9.53 -8.72
C GLU A 206 -8.93 10.80 -9.28
N GLU A 207 -8.18 11.56 -8.47
CA GLU A 207 -7.63 12.84 -8.94
C GLU A 207 -6.22 12.71 -9.52
N ILE A 208 -5.66 11.51 -9.44
CA ILE A 208 -4.25 11.32 -9.85
C ILE A 208 -4.10 11.56 -11.36
N LEU A 209 -5.06 11.08 -12.13
CA LEU A 209 -5.01 11.27 -13.59
C LEU A 209 -4.85 12.74 -13.99
N ASN A 210 -5.71 13.62 -13.45
CA ASN A 210 -5.56 15.04 -13.74
C ASN A 210 -4.25 15.68 -13.26
N VAL A 211 -3.74 15.22 -12.12
CA VAL A 211 -2.39 15.63 -11.74
C VAL A 211 -1.38 15.27 -12.85
N LEU A 212 -1.44 14.04 -13.34
CA LEU A 212 -0.46 13.62 -14.36
C LEU A 212 -0.61 14.46 -15.63
N LYS A 213 -1.86 14.75 -16.02
CA LYS A 213 -2.11 15.56 -17.24
C LYS A 213 -1.49 16.97 -17.06
N GLU A 214 -1.49 17.45 -15.83
CA GLU A 214 -0.91 18.75 -15.50
C GLU A 214 0.63 18.72 -15.56
N VAL A 215 1.26 17.68 -14.98
CA VAL A 215 2.72 17.70 -14.77
C VAL A 215 3.60 16.96 -15.78
N LEU A 216 3.03 16.01 -16.51
CA LEU A 216 3.81 15.25 -17.51
C LEU A 216 3.92 16.01 -18.83
S SO4 B . -3.88 12.94 9.39
O1 SO4 B . -4.52 12.28 8.24
O2 SO4 B . -4.82 13.92 9.93
O3 SO4 B . -3.49 11.99 10.43
O4 SO4 B . -2.65 13.59 9.01
S SO4 C . 2.04 -3.69 10.13
O1 SO4 C . 2.12 -3.93 8.70
O2 SO4 C . 2.10 -2.25 10.40
O3 SO4 C . 0.81 -4.24 10.66
O4 SO4 C . 3.18 -4.34 10.78
S SO4 D . 2.90 -0.44 0.99
O1 SO4 D . 2.39 -0.52 -0.39
O2 SO4 D . 1.93 0.21 1.85
O3 SO4 D . 3.06 -1.79 1.56
O4 SO4 D . 4.19 0.34 1.10
S SO4 E . 3.56 5.60 9.09
O1 SO4 E . 4.09 4.23 8.98
O2 SO4 E . 3.82 6.29 7.87
O3 SO4 E . 2.08 5.56 9.24
O4 SO4 E . 4.19 6.29 10.22
C1 GOL F . 10.18 -6.19 -11.21
O1 GOL F . 10.42 -6.37 -9.84
C2 GOL F . 11.47 -5.72 -11.88
O2 GOL F . 11.83 -4.38 -11.52
C3 GOL F . 11.39 -5.94 -13.39
O3 GOL F . 10.29 -5.25 -13.93
C1 GOL G . 9.37 17.88 -15.81
O1 GOL G . 8.66 18.92 -15.16
C2 GOL G . 10.81 17.86 -15.30
O2 GOL G . 10.89 17.55 -13.94
C3 GOL G . 11.67 16.86 -16.06
O3 GOL G . 12.86 17.49 -16.45
C1 GOL H . -8.25 16.85 0.74
O1 GOL H . -8.84 16.34 1.91
C2 GOL H . -8.52 15.86 -0.40
O2 GOL H . -9.91 15.61 -0.53
C3 GOL H . -7.93 16.42 -1.70
O3 GOL H . -8.85 16.28 -2.76
C1 GOL I . 6.63 24.07 -10.99
C1 GOL I . 6.16 24.19 -10.70
O1 GOL I . 6.47 25.45 -10.72
O1 GOL I . 6.34 23.24 -11.73
C2 GOL I . 5.51 23.60 -11.91
C2 GOL I . 7.48 24.50 -9.99
O2 GOL I . 5.00 24.66 -12.67
O2 GOL I . 7.44 25.80 -9.43
C3 GOL I . 6.03 22.52 -12.85
C3 GOL I . 7.73 23.48 -8.88
O3 GOL I . 5.07 21.49 -12.96
O3 GOL I . 8.23 22.29 -9.45
#